data_9GMU
#
_entry.id   9GMU
#
_cell.length_a   198.564
_cell.length_b   56.142
_cell.length_c   137.444
_cell.angle_alpha   90.000
_cell.angle_beta   128.610
_cell.angle_gamma   90.000
#
_symmetry.space_group_name_H-M   'C 1 2 1'
#
loop_
_entity.id
_entity.type
_entity.pdbx_description
1 polymer 'Integrin alpha-M'
2 polymer 'aCR VHH'
3 non-polymer 'MAGNESIUM ION'
4 non-polymer 'SULFATE ION'
5 water water
#
loop_
_entity_poly.entity_id
_entity_poly.type
_entity_poly.pdbx_seq_one_letter_code
_entity_poly.pdbx_strand_id
1 'polypeptide(L)'
;GAMGSPQEDSDIAFLIDGSGSIIPHDFRRMKEFVSTVMEQLKKSKTLFSLMQYSEEFRIHFTFKEFQNNPNPRSLVKPIT
QLLGRTHTATGIRKVVRELFNITNGARKNAFKILVVITDGEKFGDPLGYEDVIPEADREGVIRYVIGVGDAFRSEKSRQE
LNTIASKPPRDHVFQVNNFEALKTIQNQLREKGFAIEG
;
A,B
2 'polypeptide(L)'
;QVQLVESGGGLVQAGGSLRLSCTTSGFTFDDYAIGWFRQAPGKEREGVSCISSSEGKYYSDSAKGRFTISSDNAKNTVYL
QMNNLKPEDTAVYYCAAEWNNFGRLCMYPDYWGQGTQVTVSSLEHHHHHH
;
C,D
#
loop_
_chem_comp.id
_chem_comp.type
_chem_comp.name
_chem_comp.formula
MG non-polymer 'MAGNESIUM ION' 'Mg 2'
SO4 non-polymer 'SULFATE ION' 'O4 S -2'
#
# COMPACT_ATOMS: atom_id res chain seq x y z
N ASP A 9 42.79 6.05 -36.59
CA ASP A 9 42.59 4.61 -36.51
C ASP A 9 41.13 4.20 -36.27
N SER A 10 40.25 5.16 -36.00
CA SER A 10 38.85 4.88 -35.69
C SER A 10 37.96 5.87 -36.42
N ASP A 11 36.88 5.36 -37.03
CA ASP A 11 35.86 6.16 -37.70
C ASP A 11 34.56 5.99 -36.92
N ILE A 12 34.11 7.07 -36.27
CA ILE A 12 32.92 7.06 -35.41
C ILE A 12 31.81 7.77 -36.17
N ALA A 13 30.71 7.07 -36.41
CA ALA A 13 29.53 7.63 -37.07
C ALA A 13 28.42 7.81 -36.04
N PHE A 14 27.76 8.97 -36.11
CA PHE A 14 26.59 9.25 -35.28
C PHE A 14 25.31 9.08 -36.12
N LEU A 15 24.30 8.47 -35.51
CA LEU A 15 22.95 8.41 -36.06
C LEU A 15 22.01 8.91 -34.97
N ILE A 16 21.45 10.12 -35.17
CA ILE A 16 20.64 10.78 -34.14
C ILE A 16 19.18 10.72 -34.54
N ASP A 17 18.33 10.41 -33.58
CA ASP A 17 16.89 10.37 -33.76
C ASP A 17 16.36 11.81 -33.74
N GLY A 18 15.84 12.26 -34.88
CA GLY A 18 15.15 13.53 -35.01
C GLY A 18 13.66 13.42 -35.11
N SER A 19 13.09 12.26 -34.81
CA SER A 19 11.67 12.02 -35.03
C SER A 19 10.82 12.83 -34.06
N GLY A 20 9.51 12.76 -34.27
CA GLY A 20 8.56 13.49 -33.44
C GLY A 20 8.57 13.09 -31.98
N SER A 21 9.12 11.92 -31.64
CA SER A 21 9.15 11.46 -30.26
C SER A 21 10.27 12.09 -29.43
N ILE A 22 11.20 12.77 -30.07
CA ILE A 22 12.35 13.37 -29.39
C ILE A 22 11.97 14.81 -29.06
N ILE A 23 11.83 15.12 -27.78
CA ILE A 23 11.40 16.46 -27.36
C ILE A 23 12.53 17.44 -27.67
N PRO A 24 12.27 18.75 -27.74
CA PRO A 24 13.36 19.69 -28.06
C PRO A 24 14.49 19.74 -27.03
N HIS A 25 14.18 19.60 -25.74
CA HIS A 25 15.24 19.63 -24.72
C HIS A 25 16.20 18.46 -24.88
N ASP A 26 15.67 17.26 -25.11
CA ASP A 26 16.52 16.11 -25.31
C ASP A 26 17.32 16.25 -26.60
N PHE A 27 16.68 16.75 -27.66
CA PHE A 27 17.39 16.96 -28.92
C PHE A 27 18.53 17.96 -28.75
N ARG A 28 18.33 19.00 -27.92
CA ARG A 28 19.46 19.83 -27.49
C ARG A 28 20.50 18.95 -26.82
N ARG A 29 20.07 18.12 -25.87
CA ARG A 29 21.03 17.34 -25.09
C ARG A 29 21.77 16.35 -25.98
N MET A 30 21.10 15.85 -27.03
CA MET A 30 21.80 15.05 -28.03
C MET A 30 22.89 15.86 -28.72
N LYS A 31 22.60 17.12 -29.06
CA LYS A 31 23.56 17.95 -29.79
C LYS A 31 24.82 18.20 -28.98
N GLU A 32 24.65 18.56 -27.69
CA GLU A 32 25.82 18.80 -26.85
C GLU A 32 26.51 17.50 -26.45
N PHE A 33 25.79 16.38 -26.40
CA PHE A 33 26.45 15.09 -26.21
C PHE A 33 27.40 14.79 -27.36
N VAL A 34 26.90 14.88 -28.59
CA VAL A 34 27.70 14.59 -29.77
C VAL A 34 28.87 15.56 -29.88
N SER A 35 28.61 16.84 -29.62
CA SER A 35 29.66 17.85 -29.71
C SER A 35 30.77 17.57 -28.69
N THR A 36 30.39 17.14 -27.49
CA THR A 36 31.39 16.87 -26.46
C THR A 36 32.25 15.66 -26.81
N VAL A 37 31.65 14.65 -27.45
CA VAL A 37 32.42 13.48 -27.87
C VAL A 37 33.45 13.88 -28.93
N MET A 38 33.02 14.65 -29.94
CA MET A 38 33.94 15.11 -30.97
C MET A 38 35.02 16.02 -30.39
N GLU A 39 34.58 16.95 -29.53
CA GLU A 39 35.51 17.91 -28.94
C GLU A 39 36.53 17.22 -28.05
N GLN A 40 36.12 16.17 -27.32
CA GLN A 40 37.06 15.42 -26.49
C GLN A 40 38.04 14.61 -27.33
N LEU A 41 37.66 14.22 -28.55
CA LEU A 41 38.49 13.39 -29.42
C LEU A 41 39.18 14.17 -30.53
N LYS A 42 39.09 15.50 -30.53
CA LYS A 42 39.91 16.28 -31.46
C LYS A 42 41.37 16.17 -31.04
N LYS A 43 42.26 16.46 -31.99
CA LYS A 43 43.71 16.25 -31.86
C LYS A 43 44.09 14.78 -31.71
N SER A 44 43.19 13.85 -32.00
CA SER A 44 43.43 12.42 -32.03
C SER A 44 43.20 11.92 -33.45
N LYS A 45 43.40 10.61 -33.66
CA LYS A 45 43.24 9.99 -34.96
C LYS A 45 41.81 9.50 -35.22
N THR A 46 40.81 10.19 -34.68
CA THR A 46 39.41 9.83 -34.86
C THR A 46 38.77 10.78 -35.88
N LEU A 47 38.05 10.20 -36.83
CA LEU A 47 37.23 10.94 -37.80
C LEU A 47 35.76 10.74 -37.47
N PHE A 48 34.95 11.75 -37.77
CA PHE A 48 33.56 11.80 -37.35
C PHE A 48 32.62 12.11 -38.51
N SER A 49 31.42 11.53 -38.41
CA SER A 49 30.36 11.73 -39.39
C SER A 49 29.02 11.59 -38.68
N LEU A 50 28.00 12.27 -39.21
CA LEU A 50 26.69 12.36 -38.55
C LEU A 50 25.58 12.26 -39.58
N MET A 51 24.56 11.45 -39.24
CA MET A 51 23.30 11.40 -39.96
C MET A 51 22.18 11.63 -38.96
N GLN A 52 21.25 12.49 -39.31
CA GLN A 52 19.99 12.65 -38.60
C GLN A 52 18.91 11.88 -39.35
N TYR A 53 17.98 11.27 -38.60
CA TYR A 53 16.92 10.48 -39.20
C TYR A 53 15.59 10.72 -38.48
N SER A 54 14.51 10.61 -39.25
CA SER A 54 13.17 10.45 -38.73
C SER A 54 12.41 9.52 -39.67
N GLU A 55 11.61 10.09 -40.60
CA GLU A 55 11.16 9.38 -41.80
C GLU A 55 11.92 9.84 -43.05
N GLU A 56 12.68 10.92 -42.95
CA GLU A 56 13.65 11.36 -43.95
C GLU A 56 15.02 11.42 -43.28
N PHE A 57 16.06 11.58 -44.10
CA PHE A 57 17.43 11.39 -43.66
C PHE A 57 18.31 12.53 -44.18
N ARG A 58 19.08 13.12 -43.26
CA ARG A 58 19.98 14.24 -43.54
C ARG A 58 21.36 13.93 -42.98
N ILE A 59 22.35 13.81 -43.85
CA ILE A 59 23.75 13.75 -43.44
C ILE A 59 24.19 15.19 -43.24
N HIS A 60 24.45 15.58 -41.98
CA HIS A 60 24.83 16.95 -41.68
C HIS A 60 26.31 17.20 -41.93
N PHE A 61 27.14 16.16 -41.80
CA PHE A 61 28.51 16.24 -42.30
C PHE A 61 29.08 14.84 -42.42
N THR A 62 29.84 14.62 -43.49
CA THR A 62 30.47 13.34 -43.77
C THR A 62 31.84 13.27 -43.08
N PHE A 63 32.46 12.09 -43.18
CA PHE A 63 33.84 11.93 -42.71
C PHE A 63 34.79 12.88 -43.44
N LYS A 64 34.63 13.01 -44.75
CA LYS A 64 35.47 13.96 -45.51
C LYS A 64 35.20 15.39 -45.07
N GLU A 65 33.93 15.73 -44.80
CA GLU A 65 33.59 17.11 -44.47
C GLU A 65 34.11 17.49 -43.08
N PHE A 66 34.05 16.57 -42.12
CA PHE A 66 34.66 16.83 -40.82
C PHE A 66 36.18 17.01 -40.95
N GLN A 67 36.79 16.25 -41.85
CA GLN A 67 38.23 16.36 -42.07
C GLN A 67 38.62 17.76 -42.57
N ASN A 68 37.75 18.39 -43.37
CA ASN A 68 38.02 19.71 -43.91
C ASN A 68 37.65 20.84 -42.95
N ASN A 69 36.79 20.58 -41.97
CA ASN A 69 36.37 21.61 -41.01
C ASN A 69 36.16 20.94 -39.66
N PRO A 70 37.26 20.63 -38.90
CA PRO A 70 37.14 19.91 -37.63
C PRO A 70 36.77 20.79 -36.43
N ASN A 71 35.67 21.55 -36.58
CA ASN A 71 35.15 22.43 -35.53
C ASN A 71 33.79 21.87 -35.10
N PRO A 72 33.68 21.19 -33.93
CA PRO A 72 32.38 20.59 -33.57
C PRO A 72 31.23 21.57 -33.40
N ARG A 73 31.46 22.75 -32.81
CA ARG A 73 30.40 23.74 -32.67
C ARG A 73 29.84 24.15 -34.03
N SER A 74 30.73 24.42 -35.00
CA SER A 74 30.29 24.89 -36.31
C SER A 74 29.47 23.84 -37.04
N LEU A 75 29.74 22.57 -36.80
CA LEU A 75 29.07 21.49 -37.51
C LEU A 75 27.72 21.12 -36.92
N VAL A 76 27.50 21.36 -35.62
CA VAL A 76 26.35 20.84 -34.91
C VAL A 76 25.29 21.91 -34.71
N LYS A 77 25.71 23.17 -34.54
CA LYS A 77 24.78 24.26 -34.26
C LYS A 77 23.67 24.44 -35.29
N PRO A 78 23.92 24.41 -36.61
CA PRO A 78 22.81 24.60 -37.55
C PRO A 78 21.88 23.40 -37.70
N ILE A 79 22.11 22.31 -36.97
CA ILE A 79 21.29 21.11 -37.11
C ILE A 79 19.93 21.39 -36.47
N THR A 80 18.86 21.23 -37.25
CA THR A 80 17.50 21.48 -36.83
C THR A 80 16.70 20.18 -36.89
N GLN A 81 15.71 20.06 -35.99
CA GLN A 81 15.02 18.79 -35.80
C GLN A 81 14.02 18.53 -36.92
N LEU A 82 14.05 17.29 -37.45
CA LEU A 82 13.21 16.94 -38.59
C LEU A 82 11.76 16.66 -38.19
N LEU A 83 11.55 15.95 -37.08
CA LEU A 83 10.25 15.46 -36.65
C LEU A 83 9.71 14.40 -37.61
N GLY A 84 8.57 13.81 -37.28
CA GLY A 84 7.97 12.74 -38.05
C GLY A 84 8.08 11.40 -37.36
N ARG A 85 7.93 10.33 -38.16
CA ARG A 85 8.00 8.97 -37.65
C ARG A 85 9.46 8.60 -37.37
N THR A 86 9.70 7.34 -37.00
CA THR A 86 10.99 6.85 -36.48
C THR A 86 11.44 5.66 -37.33
N HIS A 87 12.25 5.92 -38.35
CA HIS A 87 12.73 4.88 -39.27
C HIS A 87 14.16 4.49 -38.87
N THR A 88 14.26 3.86 -37.70
CA THR A 88 15.58 3.53 -37.15
C THR A 88 16.28 2.46 -37.97
N ALA A 89 15.56 1.39 -38.33
CA ALA A 89 16.20 0.28 -39.03
C ALA A 89 16.69 0.72 -40.41
N THR A 90 15.91 1.53 -41.12
CA THR A 90 16.37 2.08 -42.38
C THR A 90 17.56 3.03 -42.15
N GLY A 91 17.52 3.80 -41.07
CA GLY A 91 18.64 4.67 -40.74
C GLY A 91 19.93 3.91 -40.51
N ILE A 92 19.85 2.72 -39.91
CA ILE A 92 21.04 1.91 -39.68
C ILE A 92 21.66 1.50 -41.01
N ARG A 93 20.82 1.06 -41.95
CA ARG A 93 21.30 0.59 -43.25
C ARG A 93 21.99 1.70 -44.02
N LYS A 94 21.44 2.91 -43.98
CA LYS A 94 22.02 4.01 -44.74
C LYS A 94 23.37 4.43 -44.20
N VAL A 95 23.55 4.38 -42.87
CA VAL A 95 24.86 4.71 -42.29
C VAL A 95 25.92 3.73 -42.77
N VAL A 96 25.61 2.43 -42.72
CA VAL A 96 26.59 1.42 -43.13
C VAL A 96 26.92 1.57 -44.61
N ARG A 97 25.92 1.81 -45.45
CA ARG A 97 26.17 1.89 -46.88
C ARG A 97 26.75 3.24 -47.30
N GLU A 98 26.22 4.36 -46.77
CA GLU A 98 26.66 5.68 -47.21
C GLU A 98 27.79 6.30 -46.38
N LEU A 99 27.66 6.33 -45.05
CA LEU A 99 28.65 7.03 -44.24
C LEU A 99 29.96 6.27 -44.18
N PHE A 100 29.91 4.94 -44.04
CA PHE A 100 31.11 4.09 -43.99
C PHE A 100 31.56 3.66 -45.39
N ASN A 101 31.32 4.49 -46.40
CA ASN A 101 31.86 4.32 -47.74
C ASN A 101 33.12 5.14 -47.87
N ILE A 102 34.11 4.58 -48.58
CA ILE A 102 35.38 5.24 -48.80
C ILE A 102 35.23 6.56 -49.57
N THR A 103 34.14 6.70 -50.34
CA THR A 103 33.90 7.92 -51.11
C THR A 103 33.59 9.13 -50.24
N ASN A 104 33.15 8.93 -48.99
CA ASN A 104 32.77 10.02 -48.09
C ASN A 104 33.85 10.34 -47.06
N GLY A 105 35.08 9.84 -47.24
CA GLY A 105 36.17 10.07 -46.31
C GLY A 105 36.39 8.96 -45.31
N ALA A 106 35.52 7.95 -45.29
CA ALA A 106 35.74 6.80 -44.43
C ALA A 106 36.95 6.01 -44.92
N ARG A 107 37.63 5.36 -43.99
CA ARG A 107 38.85 4.61 -44.26
C ARG A 107 38.54 3.12 -44.19
N LYS A 108 39.13 2.36 -45.13
CA LYS A 108 38.82 0.94 -45.23
C LYS A 108 39.22 0.20 -43.96
N ASN A 109 40.49 0.34 -43.55
CA ASN A 109 41.03 -0.36 -42.40
C ASN A 109 41.08 0.60 -41.21
N ALA A 110 39.89 0.85 -40.68
CA ALA A 110 39.74 1.69 -39.50
C ALA A 110 38.80 0.97 -38.55
N PHE A 111 38.79 1.42 -37.31
CA PHE A 111 37.87 0.88 -36.33
C PHE A 111 36.54 1.60 -36.51
N LYS A 112 35.52 0.84 -36.91
CA LYS A 112 34.23 1.40 -37.28
C LYS A 112 33.32 1.38 -36.06
N ILE A 113 32.85 2.56 -35.67
CA ILE A 113 31.96 2.74 -34.53
C ILE A 113 30.73 3.47 -35.04
N LEU A 114 29.55 2.92 -34.72
CA LEU A 114 28.29 3.61 -34.91
C LEU A 114 27.73 3.94 -33.54
N VAL A 115 27.35 5.20 -33.35
CA VAL A 115 26.75 5.71 -32.12
C VAL A 115 25.32 6.08 -32.48
N VAL A 116 24.36 5.31 -31.99
CA VAL A 116 22.93 5.56 -32.22
C VAL A 116 22.37 6.20 -30.96
N ILE A 117 21.69 7.33 -31.13
CA ILE A 117 21.08 8.08 -30.02
C ILE A 117 19.59 8.15 -30.36
N THR A 118 18.77 7.46 -29.58
CA THR A 118 17.34 7.35 -29.84
C THR A 118 16.63 7.06 -28.53
N ASP A 119 15.29 7.09 -28.59
CA ASP A 119 14.46 6.69 -27.46
C ASP A 119 14.00 5.23 -27.55
N GLY A 120 14.44 4.49 -28.55
CA GLY A 120 14.11 3.07 -28.61
C GLY A 120 12.69 2.76 -29.02
N GLU A 121 12.06 3.65 -29.80
CA GLU A 121 10.68 3.48 -30.27
C GLU A 121 10.67 3.67 -31.79
N LYS A 122 11.21 2.68 -32.50
CA LYS A 122 11.03 2.60 -33.94
C LYS A 122 9.54 2.57 -34.27
N PHE A 123 9.16 3.31 -35.30
CA PHE A 123 7.75 3.45 -35.66
C PHE A 123 7.64 3.80 -37.13
N GLY A 124 6.97 2.93 -37.89
CA GLY A 124 6.73 3.15 -39.29
C GLY A 124 7.84 2.68 -40.22
N ASP A 125 8.91 2.10 -39.69
CA ASP A 125 10.00 1.66 -40.55
C ASP A 125 9.56 0.41 -41.31
N PRO A 126 9.69 0.37 -42.65
CA PRO A 126 9.38 -0.89 -43.35
C PRO A 126 10.39 -2.00 -43.08
N LEU A 127 11.56 -1.69 -42.51
CA LEU A 127 12.60 -2.68 -42.22
C LEU A 127 12.63 -3.02 -40.74
N GLY A 128 13.06 -4.25 -40.45
CA GLY A 128 13.25 -4.70 -39.09
C GLY A 128 14.72 -4.63 -38.70
N TYR A 129 14.98 -4.65 -37.39
CA TYR A 129 16.36 -4.71 -36.93
C TYR A 129 17.03 -6.00 -37.37
N GLU A 130 16.26 -7.09 -37.46
CA GLU A 130 16.81 -8.39 -37.86
C GLU A 130 17.37 -8.35 -39.29
N ASP A 131 16.94 -7.39 -40.11
CA ASP A 131 17.34 -7.28 -41.52
C ASP A 131 18.59 -6.43 -41.74
N VAL A 132 19.06 -5.68 -40.73
CA VAL A 132 20.09 -4.66 -40.90
C VAL A 132 21.30 -4.93 -40.03
N ILE A 133 21.09 -5.62 -38.90
CA ILE A 133 22.21 -5.93 -37.99
C ILE A 133 23.25 -6.86 -38.65
N PRO A 134 22.86 -7.90 -39.41
CA PRO A 134 23.91 -8.67 -40.12
C PRO A 134 24.73 -7.83 -41.09
N GLU A 135 24.11 -6.86 -41.76
CA GLU A 135 24.87 -5.97 -42.64
C GLU A 135 25.88 -5.15 -41.85
N ALA A 136 25.47 -4.66 -40.67
CA ALA A 136 26.40 -3.90 -39.83
C ALA A 136 27.53 -4.79 -39.34
N ASP A 137 27.22 -6.02 -38.93
CA ASP A 137 28.24 -6.94 -38.45
C ASP A 137 29.22 -7.31 -39.55
N ARG A 138 28.78 -7.34 -40.82
CA ARG A 138 29.66 -7.78 -41.90
C ARG A 138 30.83 -6.82 -42.09
N GLU A 139 30.61 -5.53 -41.86
CA GLU A 139 31.65 -4.52 -41.95
C GLU A 139 32.39 -4.29 -40.64
N GLY A 140 32.12 -5.09 -39.61
CA GLY A 140 32.81 -4.90 -38.35
C GLY A 140 32.45 -3.64 -37.61
N VAL A 141 31.25 -3.10 -37.83
CA VAL A 141 30.84 -1.86 -37.18
C VAL A 141 30.43 -2.20 -35.76
N ILE A 142 31.12 -1.60 -34.78
CA ILE A 142 30.74 -1.73 -33.38
C ILE A 142 29.67 -0.68 -33.11
N ARG A 143 28.61 -1.09 -32.42
CA ARG A 143 27.40 -0.30 -32.27
C ARG A 143 27.18 0.03 -30.80
N TYR A 144 27.31 1.30 -30.47
CA TYR A 144 26.97 1.84 -29.15
C TYR A 144 25.62 2.53 -29.24
N VAL A 145 24.86 2.45 -28.15
CA VAL A 145 23.48 2.90 -28.10
C VAL A 145 23.35 3.82 -26.90
N ILE A 146 22.73 4.98 -27.11
CA ILE A 146 22.55 5.99 -26.08
C ILE A 146 21.04 6.19 -25.92
N GLY A 147 20.49 5.68 -24.81
CA GLY A 147 19.08 5.85 -24.54
C GLY A 147 18.78 7.23 -23.98
N VAL A 148 17.68 7.82 -24.49
CA VAL A 148 17.27 9.18 -24.13
C VAL A 148 15.83 9.15 -23.65
N GLY A 149 15.45 10.21 -22.92
CA GLY A 149 14.07 10.36 -22.48
C GLY A 149 13.58 9.20 -21.63
N ASP A 150 12.43 8.65 -22.00
CA ASP A 150 11.84 7.49 -21.34
C ASP A 150 12.24 6.18 -22.00
N ALA A 151 13.41 6.12 -22.63
CA ALA A 151 13.84 4.90 -23.31
C ALA A 151 13.97 3.73 -22.36
N PHE A 152 14.42 4.00 -21.13
CA PHE A 152 14.65 2.97 -20.13
C PHE A 152 13.44 2.70 -19.25
N ARG A 153 12.28 3.30 -19.56
CA ARG A 153 11.10 3.26 -18.70
C ARG A 153 9.98 2.37 -19.22
N SER A 154 10.20 1.64 -20.33
CA SER A 154 9.24 0.66 -20.81
C SER A 154 9.99 -0.58 -21.29
N GLU A 155 9.39 -1.75 -21.07
CA GLU A 155 10.04 -3.02 -21.43
C GLU A 155 10.26 -3.15 -22.93
N LYS A 156 9.42 -2.51 -23.73
CA LYS A 156 9.53 -2.64 -25.18
C LYS A 156 10.79 -1.95 -25.68
N SER A 157 11.06 -0.73 -25.20
CA SER A 157 12.21 0.01 -25.68
C SER A 157 13.52 -0.54 -25.15
N ARG A 158 13.53 -1.08 -23.93
CA ARG A 158 14.75 -1.66 -23.38
C ARG A 158 15.20 -2.87 -24.19
N GLN A 159 14.29 -3.81 -24.45
CA GLN A 159 14.64 -4.99 -25.23
C GLN A 159 15.00 -4.62 -26.67
N GLU A 160 14.50 -3.49 -27.16
CA GLU A 160 14.94 -2.97 -28.45
C GLU A 160 16.40 -2.55 -28.41
N LEU A 161 16.87 -1.99 -27.29
CA LEU A 161 18.25 -1.53 -27.22
C LEU A 161 19.24 -2.69 -27.32
N ASN A 162 18.90 -3.87 -26.77
CA ASN A 162 19.77 -5.03 -26.92
C ASN A 162 19.85 -5.48 -28.36
N THR A 163 18.73 -5.47 -29.08
CA THR A 163 18.69 -5.94 -30.46
C THR A 163 19.58 -5.10 -31.37
N ILE A 164 19.68 -3.80 -31.09
CA ILE A 164 20.50 -2.88 -31.86
C ILE A 164 21.96 -2.88 -31.37
N ALA A 165 22.18 -3.11 -30.07
CA ALA A 165 23.52 -3.02 -29.49
C ALA A 165 24.41 -4.17 -29.96
N SER A 166 25.73 -3.95 -29.85
CA SER A 166 26.73 -4.94 -30.25
C SER A 166 26.70 -6.17 -29.32
N LYS A 167 27.42 -7.21 -29.76
CA LYS A 167 27.38 -8.56 -29.18
C LYS A 167 27.51 -8.62 -27.66
N PRO A 168 28.46 -7.94 -27.01
CA PRO A 168 28.32 -7.69 -25.57
C PRO A 168 27.46 -6.48 -25.32
N PRO A 169 26.15 -6.64 -25.08
CA PRO A 169 25.30 -5.44 -24.96
C PRO A 169 25.65 -4.57 -23.76
N ARG A 170 26.11 -5.20 -22.68
CA ARG A 170 26.42 -4.51 -21.43
C ARG A 170 27.53 -3.47 -21.58
N ASP A 171 28.37 -3.60 -22.61
CA ASP A 171 29.43 -2.63 -22.88
C ASP A 171 28.99 -1.48 -23.78
N HIS A 172 27.76 -1.52 -24.33
CA HIS A 172 27.37 -0.68 -25.46
C HIS A 172 26.09 0.13 -25.32
N VAL A 173 25.35 -0.03 -24.23
CA VAL A 173 24.11 0.73 -23.99
C VAL A 173 24.39 1.68 -22.83
N PHE A 174 24.05 2.96 -23.01
CA PHE A 174 24.30 4.01 -22.04
C PHE A 174 23.16 5.03 -22.13
N GLN A 175 23.24 6.08 -21.30
CA GLN A 175 22.31 7.20 -21.33
C GLN A 175 23.03 8.47 -21.81
N VAL A 176 22.24 9.40 -22.36
CA VAL A 176 22.73 10.71 -22.79
C VAL A 176 22.93 11.70 -21.65
N ASN A 177 22.33 11.46 -20.48
CA ASN A 177 22.44 12.36 -19.33
C ASN A 177 23.83 12.34 -18.67
N ASN A 178 24.74 11.49 -19.14
CA ASN A 178 26.09 11.40 -18.64
C ASN A 178 26.99 11.09 -19.83
N PHE A 179 28.29 10.95 -19.58
CA PHE A 179 29.27 10.65 -20.61
C PHE A 179 29.97 9.32 -20.36
N GLU A 180 29.29 8.40 -19.65
CA GLU A 180 29.85 7.07 -19.43
C GLU A 180 30.08 6.32 -20.74
N ALA A 181 29.26 6.59 -21.76
CA ALA A 181 29.51 6.02 -23.08
C ALA A 181 30.84 6.49 -23.63
N LEU A 182 31.14 7.77 -23.46
CA LEU A 182 32.38 8.32 -23.99
C LEU A 182 33.58 7.70 -23.29
N LYS A 183 33.48 7.48 -21.98
CA LYS A 183 34.59 6.87 -21.25
C LYS A 183 34.83 5.44 -21.72
N THR A 184 33.76 4.70 -21.99
CA THR A 184 33.92 3.33 -22.48
C THR A 184 34.56 3.32 -23.86
N ILE A 185 34.14 4.22 -24.76
CA ILE A 185 34.75 4.31 -26.08
C ILE A 185 36.22 4.71 -25.94
N GLN A 186 36.50 5.68 -25.06
CA GLN A 186 37.88 6.09 -24.86
C GLN A 186 38.72 4.94 -24.33
N ASN A 187 38.19 4.21 -23.33
CA ASN A 187 38.91 3.04 -22.83
C ASN A 187 39.04 1.96 -23.91
N GLN A 188 38.01 1.81 -24.74
CA GLN A 188 38.10 0.90 -25.88
C GLN A 188 39.20 1.34 -26.82
N LEU A 189 39.18 2.62 -27.23
CA LEU A 189 40.14 3.10 -28.23
C LEU A 189 41.57 3.06 -27.69
N ARG A 190 41.75 3.37 -26.41
CA ARG A 190 43.08 3.24 -25.81
C ARG A 190 43.57 1.80 -25.85
N GLU A 191 42.67 0.83 -25.59
CA GLU A 191 43.03 -0.58 -25.76
C GLU A 191 43.43 -0.88 -27.20
N LYS A 192 42.73 -0.30 -28.18
CA LYS A 192 43.08 -0.52 -29.58
C LYS A 192 44.46 0.06 -29.87
N ASP B 9 -43.26 -1.31 36.66
CA ASP B 9 -42.79 -2.69 36.68
C ASP B 9 -41.28 -2.83 36.39
N SER B 10 -40.62 -1.73 36.03
CA SER B 10 -39.20 -1.74 35.68
C SER B 10 -38.52 -0.55 36.33
N ASP B 11 -37.37 -0.79 36.96
CA ASP B 11 -36.54 0.25 37.57
C ASP B 11 -35.24 0.34 36.79
N ILE B 12 -35.03 1.45 36.09
CA ILE B 12 -33.88 1.68 35.22
C ILE B 12 -32.95 2.66 35.94
N ALA B 13 -31.72 2.23 36.20
CA ALA B 13 -30.69 3.07 36.81
C ALA B 13 -29.65 3.42 35.75
N PHE B 14 -29.25 4.69 35.73
CA PHE B 14 -28.18 5.17 34.88
C PHE B 14 -26.90 5.34 35.71
N LEU B 15 -25.77 4.93 35.13
CA LEU B 15 -24.44 5.19 35.69
C LEU B 15 -23.63 5.82 34.57
N ILE B 16 -23.35 7.13 34.69
CA ILE B 16 -22.72 7.90 33.63
C ILE B 16 -21.27 8.20 34.00
N ASP B 17 -20.39 8.07 33.02
CA ASP B 17 -18.97 8.36 33.19
C ASP B 17 -18.78 9.88 33.16
N GLY B 18 -18.37 10.43 34.31
CA GLY B 18 -18.00 11.83 34.42
C GLY B 18 -16.52 12.06 34.50
N SER B 19 -15.69 11.05 34.19
CA SER B 19 -14.26 11.14 34.37
C SER B 19 -13.65 12.11 33.36
N GLY B 20 -12.35 12.35 33.53
CA GLY B 20 -11.61 13.22 32.63
C GLY B 20 -11.54 12.72 31.20
N SER B 21 -11.81 11.43 30.96
CA SER B 21 -11.73 10.88 29.60
C SER B 21 -12.96 11.19 28.76
N ILE B 22 -14.05 11.67 29.35
CA ILE B 22 -15.28 11.98 28.63
C ILE B 22 -15.23 13.46 28.27
N ILE B 23 -15.15 13.76 26.97
CA ILE B 23 -15.05 15.13 26.50
C ILE B 23 -16.39 15.84 26.72
N PRO B 24 -16.43 17.18 26.74
CA PRO B 24 -17.73 17.86 27.00
C PRO B 24 -18.79 17.61 25.94
N HIS B 25 -18.41 17.47 24.67
CA HIS B 25 -19.39 17.19 23.63
C HIS B 25 -20.06 15.85 23.85
N ASP B 26 -19.27 14.83 24.20
CA ASP B 26 -19.83 13.52 24.51
C ASP B 26 -20.65 13.57 25.78
N PHE B 27 -20.16 14.27 26.81
CA PHE B 27 -20.94 14.39 28.05
C PHE B 27 -22.26 15.09 27.82
N ARG B 28 -22.27 16.12 26.97
CA ARG B 28 -23.53 16.72 26.55
C ARG B 28 -24.38 15.66 25.84
N ARG B 29 -23.77 14.86 24.97
CA ARG B 29 -24.54 13.81 24.27
C ARG B 29 -25.07 12.78 25.26
N MET B 30 -24.32 12.49 26.32
CA MET B 30 -24.84 11.60 27.37
C MET B 30 -26.07 12.18 28.03
N LYS B 31 -26.05 13.50 28.30
CA LYS B 31 -27.17 14.13 28.98
C LYS B 31 -28.44 14.07 28.14
N GLU B 32 -28.34 14.37 26.85
CA GLU B 32 -29.52 14.30 26.00
C GLU B 32 -29.91 12.86 25.68
N PHE B 33 -28.95 11.93 25.66
CA PHE B 33 -29.31 10.52 25.51
C PHE B 33 -30.18 10.06 26.68
N VAL B 34 -29.72 10.32 27.90
CA VAL B 34 -30.47 9.91 29.10
C VAL B 34 -31.83 10.60 29.15
N SER B 35 -31.85 11.90 28.84
CA SER B 35 -33.11 12.64 28.88
C SER B 35 -34.11 12.09 27.86
N THR B 36 -33.63 11.70 26.68
CA THR B 36 -34.54 11.17 25.66
C THR B 36 -35.11 9.81 26.08
N VAL B 37 -34.30 8.99 26.76
CA VAL B 37 -34.79 7.68 27.22
C VAL B 37 -35.90 7.88 28.26
N MET B 38 -35.66 8.75 29.24
CA MET B 38 -36.68 9.04 30.25
C MET B 38 -37.92 9.65 29.62
N GLU B 39 -37.71 10.62 28.72
CA GLU B 39 -38.81 11.31 28.08
C GLU B 39 -39.65 10.35 27.24
N GLN B 40 -39.00 9.39 26.57
CA GLN B 40 -39.75 8.41 25.80
C GLN B 40 -40.53 7.43 26.69
N LEU B 41 -40.07 7.21 27.92
CA LEU B 41 -40.69 6.27 28.84
C LEU B 41 -41.52 6.95 29.93
N LYS B 42 -41.73 8.27 29.84
CA LYS B 42 -42.69 8.89 30.73
C LYS B 42 -44.10 8.43 30.36
N LYS B 43 -45.01 8.57 31.32
CA LYS B 43 -46.38 8.05 31.24
C LYS B 43 -46.43 6.51 31.19
N SER B 44 -45.34 5.84 31.52
CA SER B 44 -45.25 4.38 31.63
C SER B 44 -44.93 4.03 33.06
N LYS B 45 -44.84 2.73 33.35
CA LYS B 45 -44.57 2.22 34.69
C LYS B 45 -43.07 2.07 34.96
N THR B 46 -42.23 2.93 34.38
CA THR B 46 -40.79 2.90 34.56
C THR B 46 -40.38 4.01 35.51
N LEU B 47 -39.55 3.67 36.50
CA LEU B 47 -38.93 4.62 37.41
C LEU B 47 -37.44 4.72 37.09
N PHE B 48 -36.89 5.93 37.32
CA PHE B 48 -35.53 6.27 36.90
C PHE B 48 -34.71 6.85 38.04
N SER B 49 -33.41 6.55 38.00
CA SER B 49 -32.43 7.04 38.96
C SER B 49 -31.09 7.15 38.24
N LEU B 50 -30.25 8.08 38.72
CA LEU B 50 -29.00 8.41 38.04
C LEU B 50 -27.89 8.60 39.05
N MET B 51 -26.73 8.02 38.75
CA MET B 51 -25.49 8.27 39.46
C MET B 51 -24.44 8.67 38.42
N GLN B 52 -23.73 9.74 38.72
CA GLN B 52 -22.54 10.12 37.98
C GLN B 52 -21.32 9.66 38.77
N TYR B 53 -20.29 9.22 38.05
CA TYR B 53 -19.06 8.74 38.68
C TYR B 53 -17.85 9.25 37.90
N SER B 54 -16.76 9.43 38.66
CA SER B 54 -15.42 9.56 38.10
C SER B 54 -14.47 8.85 39.07
N GLU B 55 -13.81 9.60 39.96
CA GLU B 55 -13.22 9.06 41.18
C GLU B 55 -14.04 9.39 42.41
N GLU B 56 -15.03 10.29 42.28
CA GLU B 56 -16.07 10.56 43.27
C GLU B 56 -17.42 10.25 42.64
N PHE B 57 -18.46 10.21 43.47
CA PHE B 57 -19.77 9.69 43.07
C PHE B 57 -20.87 10.63 43.54
N ARG B 58 -21.74 11.02 42.61
CA ARG B 58 -22.87 11.92 42.88
C ARG B 58 -24.14 11.30 42.31
N ILE B 59 -25.09 11.01 43.19
CA ILE B 59 -26.45 10.64 42.78
C ILE B 59 -27.18 11.95 42.50
N HIS B 60 -27.48 12.21 41.22
CA HIS B 60 -28.15 13.46 40.86
C HIS B 60 -29.65 13.40 41.07
N PHE B 61 -30.25 12.22 40.97
CA PHE B 61 -31.61 12.04 41.43
C PHE B 61 -31.88 10.56 41.61
N THR B 62 -32.61 10.24 42.68
CA THR B 62 -32.96 8.89 43.06
C THR B 62 -34.26 8.45 42.40
N PHE B 63 -34.59 7.17 42.57
CA PHE B 63 -35.89 6.67 42.14
C PHE B 63 -37.03 7.41 42.84
N LYS B 64 -36.90 7.64 44.14
CA LYS B 64 -37.91 8.40 44.87
C LYS B 64 -37.98 9.84 44.35
N GLU B 65 -36.83 10.45 44.07
CA GLU B 65 -36.83 11.85 43.67
C GLU B 65 -37.41 12.02 42.27
N PHE B 66 -37.13 11.09 41.36
CA PHE B 66 -37.77 11.13 40.04
C PHE B 66 -39.29 10.96 40.17
N GLN B 67 -39.73 10.11 41.11
CA GLN B 67 -41.16 9.93 41.31
C GLN B 67 -41.83 11.22 41.76
N ASN B 68 -41.12 12.03 42.54
CA ASN B 68 -41.66 13.30 43.03
C ASN B 68 -41.53 14.44 42.03
N ASN B 69 -40.64 14.33 41.05
CA ASN B 69 -40.42 15.37 40.05
C ASN B 69 -40.07 14.73 38.72
N PRO B 70 -41.09 14.17 37.98
CA PRO B 70 -40.81 13.43 36.74
C PRO B 70 -40.66 14.30 35.49
N ASN B 71 -39.76 15.30 35.56
CA ASN B 71 -39.45 16.19 34.45
C ASN B 71 -38.00 15.91 34.01
N PRO B 72 -37.76 15.21 32.89
CA PRO B 72 -36.36 14.87 32.55
C PRO B 72 -35.43 16.04 32.30
N ARG B 73 -35.90 17.10 31.61
CA ARG B 73 -35.04 18.27 31.39
C ARG B 73 -34.60 18.90 32.69
N SER B 74 -35.54 19.06 33.64
CA SER B 74 -35.23 19.71 34.90
C SER B 74 -34.21 18.91 35.72
N LEU B 75 -34.23 17.59 35.60
CA LEU B 75 -33.36 16.74 36.40
C LEU B 75 -31.94 16.63 35.83
N VAL B 76 -31.78 16.82 34.52
CA VAL B 76 -30.53 16.52 33.84
C VAL B 76 -29.73 17.79 33.61
N LYS B 77 -30.43 18.91 33.37
CA LYS B 77 -29.76 20.17 33.02
C LYS B 77 -28.71 20.65 34.02
N PRO B 78 -28.94 20.64 35.34
CA PRO B 78 -27.88 21.13 36.25
C PRO B 78 -26.72 20.15 36.45
N ILE B 79 -26.72 18.99 35.78
CA ILE B 79 -25.66 18.02 35.97
C ILE B 79 -24.39 18.55 35.30
N THR B 80 -23.32 18.66 36.08
CA THR B 80 -22.03 19.18 35.64
C THR B 80 -20.98 18.09 35.77
N GLN B 81 -19.98 18.12 34.89
CA GLN B 81 -19.04 17.02 34.78
C GLN B 81 -18.02 17.05 35.91
N LEU B 82 -17.80 15.90 36.55
CA LEU B 82 -16.93 15.82 37.72
C LEU B 82 -15.45 15.83 37.34
N LEU B 83 -15.08 15.13 36.26
CA LEU B 83 -13.71 14.90 35.83
C LEU B 83 -12.95 14.05 36.83
N GLY B 84 -11.70 13.71 36.50
CA GLY B 84 -10.86 12.84 37.30
C GLY B 84 -10.68 11.48 36.67
N ARG B 85 -10.29 10.51 37.51
CA ARG B 85 -10.04 9.15 37.05
C ARG B 85 -11.37 8.43 36.81
N THR B 86 -11.32 7.13 36.51
CA THR B 86 -12.46 6.33 36.03
C THR B 86 -12.64 5.12 36.94
N HIS B 87 -13.51 5.26 37.95
CA HIS B 87 -13.75 4.19 38.93
C HIS B 87 -15.05 3.47 38.57
N THR B 88 -14.99 2.75 37.44
CA THR B 88 -16.19 2.10 36.91
C THR B 88 -16.65 0.96 37.82
N ALA B 89 -15.71 0.11 38.26
CA ALA B 89 -16.08 -1.06 39.05
C ALA B 89 -16.67 -0.65 40.40
N THR B 90 -16.09 0.37 41.04
CA THR B 90 -16.67 0.88 42.27
C THR B 90 -18.03 1.51 42.00
N GLY B 91 -18.16 2.21 40.87
CA GLY B 91 -19.46 2.78 40.50
C GLY B 91 -20.54 1.72 40.34
N ILE B 92 -20.17 0.55 39.85
CA ILE B 92 -21.14 -0.54 39.70
C ILE B 92 -21.65 -0.97 41.06
N ARG B 93 -20.74 -1.14 42.03
CA ARG B 93 -21.13 -1.64 43.35
C ARG B 93 -22.10 -0.71 44.04
N LYS B 94 -21.90 0.60 43.92
CA LYS B 94 -22.78 1.54 44.61
C LYS B 94 -24.19 1.50 44.01
N VAL B 95 -24.29 1.30 42.69
CA VAL B 95 -25.60 1.19 42.04
C VAL B 95 -26.37 0.00 42.62
N VAL B 96 -25.68 -1.13 42.81
CA VAL B 96 -26.31 -2.33 43.37
C VAL B 96 -26.85 -2.02 44.76
N ARG B 97 -26.15 -1.17 45.51
CA ARG B 97 -26.58 -0.81 46.85
C ARG B 97 -27.84 0.05 46.82
N GLU B 98 -28.02 0.86 45.77
CA GLU B 98 -29.19 1.73 45.70
C GLU B 98 -30.43 0.90 45.39
N LEU B 99 -30.31 -0.07 44.49
CA LEU B 99 -31.45 -0.92 44.16
C LEU B 99 -31.82 -1.84 45.30
N PHE B 100 -30.82 -2.43 45.98
CA PHE B 100 -31.02 -3.39 47.05
C PHE B 100 -31.19 -2.72 48.45
N ASN B 101 -31.60 -1.45 48.51
CA ASN B 101 -31.99 -0.87 49.79
C ASN B 101 -33.51 -0.86 49.97
N ILE B 102 -34.25 -0.40 48.93
CA ILE B 102 -35.70 -0.21 48.87
C ILE B 102 -36.08 1.17 49.42
N THR B 103 -35.25 1.71 50.32
CA THR B 103 -35.48 3.01 50.93
C THR B 103 -35.36 4.15 49.93
N ASN B 104 -34.69 3.91 48.78
CA ASN B 104 -34.42 4.93 47.79
C ASN B 104 -35.42 4.91 46.62
N GLY B 105 -36.53 4.17 46.75
CA GLY B 105 -37.55 4.09 45.72
C GLY B 105 -37.51 2.87 44.82
N ALA B 106 -36.51 1.99 44.94
CA ALA B 106 -36.50 0.77 44.15
C ALA B 106 -37.64 -0.16 44.57
N ARG B 107 -38.18 -0.90 43.61
CA ARG B 107 -39.33 -1.77 43.83
C ARG B 107 -38.91 -3.24 43.85
N LYS B 108 -39.58 -3.98 44.75
CA LYS B 108 -39.17 -5.35 45.07
C LYS B 108 -39.31 -6.28 43.87
N ASN B 109 -40.53 -6.45 43.37
CA ASN B 109 -40.83 -7.35 42.26
C ASN B 109 -41.06 -6.50 41.03
N ALA B 110 -39.93 -6.01 40.49
CA ALA B 110 -39.89 -5.18 39.30
C ALA B 110 -38.78 -5.77 38.45
N PHE B 111 -38.47 -5.09 37.36
CA PHE B 111 -37.34 -5.41 36.48
C PHE B 111 -36.22 -4.40 36.70
N LYS B 112 -35.08 -4.88 37.20
CA LYS B 112 -33.95 -4.01 37.53
C LYS B 112 -33.02 -3.93 36.33
N ILE B 113 -32.83 -2.70 35.83
CA ILE B 113 -31.99 -2.43 34.67
C ILE B 113 -30.95 -1.40 35.09
N LEU B 114 -29.68 -1.67 34.78
CA LEU B 114 -28.60 -0.69 34.89
C LEU B 114 -28.14 -0.32 33.49
N VAL B 115 -28.02 0.98 33.24
CA VAL B 115 -27.55 1.54 31.99
C VAL B 115 -26.22 2.24 32.29
N VAL B 116 -25.12 1.66 31.79
CA VAL B 116 -23.79 2.22 31.96
C VAL B 116 -23.39 2.91 30.66
N ILE B 117 -22.98 4.17 30.74
CA ILE B 117 -22.53 4.96 29.60
C ILE B 117 -21.10 5.38 29.92
N THR B 118 -20.14 4.85 29.15
CA THR B 118 -18.73 5.08 29.41
C THR B 118 -17.96 4.91 28.11
N ASP B 119 -16.67 5.26 28.15
CA ASP B 119 -15.76 5.01 27.05
C ASP B 119 -14.95 3.72 27.20
N GLY B 120 -15.21 2.94 28.25
CA GLY B 120 -14.57 1.65 28.39
C GLY B 120 -13.11 1.69 28.81
N GLU B 121 -12.70 2.72 29.55
CA GLU B 121 -11.33 2.86 30.04
C GLU B 121 -11.37 3.11 31.55
N LYS B 122 -11.68 2.05 32.29
CA LYS B 122 -11.51 2.05 33.74
C LYS B 122 -10.05 2.36 34.05
N PHE B 123 -9.84 3.23 35.03
CA PHE B 123 -8.49 3.71 35.35
C PHE B 123 -8.46 4.16 36.80
N GLY B 124 -7.62 3.53 37.60
CA GLY B 124 -7.45 3.90 38.99
C GLY B 124 -8.44 3.28 39.94
N ASP B 125 -9.35 2.44 39.46
CA ASP B 125 -10.35 1.86 40.35
C ASP B 125 -9.68 0.82 41.23
N PRO B 126 -9.86 0.87 42.56
CA PRO B 126 -9.31 -0.22 43.39
C PRO B 126 -10.02 -1.55 43.19
N LEU B 127 -11.21 -1.56 42.59
CA LEU B 127 -11.97 -2.78 42.32
C LEU B 127 -11.89 -3.13 40.83
N GLY B 128 -11.95 -4.44 40.57
CA GLY B 128 -12.04 -4.96 39.23
C GLY B 128 -13.48 -5.33 38.91
N TYR B 129 -13.75 -5.51 37.61
CA TYR B 129 -15.08 -5.96 37.20
C TYR B 129 -15.39 -7.34 37.76
N GLU B 130 -14.38 -8.21 37.87
CA GLU B 130 -14.56 -9.55 38.41
C GLU B 130 -15.08 -9.56 39.85
N ASP B 131 -14.94 -8.45 40.59
CA ASP B 131 -15.36 -8.36 41.98
C ASP B 131 -16.81 -7.90 42.15
N VAL B 132 -17.47 -7.40 41.09
CA VAL B 132 -18.77 -6.74 41.19
C VAL B 132 -19.81 -7.42 40.30
N ILE B 133 -19.37 -8.10 39.24
CA ILE B 133 -20.30 -8.76 38.32
C ILE B 133 -21.08 -9.88 39.01
N PRO B 134 -20.48 -10.76 39.83
CA PRO B 134 -21.32 -11.72 40.58
C PRO B 134 -22.32 -11.04 41.50
N GLU B 135 -21.92 -9.93 42.12
CA GLU B 135 -22.84 -9.15 42.94
C GLU B 135 -23.97 -8.57 42.10
N ALA B 136 -23.65 -8.10 40.88
CA ALA B 136 -24.68 -7.54 40.01
C ALA B 136 -25.68 -8.61 39.57
N ASP B 137 -25.19 -9.79 39.19
CA ASP B 137 -26.09 -10.86 38.76
C ASP B 137 -27.00 -11.35 39.88
N ARG B 138 -26.51 -11.30 41.13
CA ARG B 138 -27.29 -11.84 42.25
C ARG B 138 -28.58 -11.07 42.48
N GLU B 139 -28.59 -9.76 42.22
CA GLU B 139 -29.76 -8.92 42.41
C GLU B 139 -30.63 -8.83 41.15
N GLY B 140 -30.35 -9.63 40.13
CA GLY B 140 -31.19 -9.63 38.94
C GLY B 140 -31.10 -8.37 38.10
N VAL B 141 -30.01 -7.62 38.22
CA VAL B 141 -29.86 -6.37 37.47
C VAL B 141 -29.41 -6.72 36.05
N ILE B 142 -30.21 -6.32 35.07
CA ILE B 142 -29.84 -6.46 33.67
C ILE B 142 -28.99 -5.26 33.29
N ARG B 143 -27.88 -5.52 32.60
CA ARG B 143 -26.83 -4.51 32.38
C ARG B 143 -26.72 -4.23 30.89
N TYR B 144 -27.10 -3.02 30.49
CA TYR B 144 -26.87 -2.49 29.16
C TYR B 144 -25.69 -1.53 29.21
N VAL B 145 -24.92 -1.48 28.13
CA VAL B 145 -23.66 -0.73 28.08
C VAL B 145 -23.74 0.15 26.83
N ILE B 146 -23.42 1.43 26.99
CA ILE B 146 -23.45 2.40 25.90
C ILE B 146 -22.04 2.94 25.72
N GLY B 147 -21.39 2.51 24.64
CA GLY B 147 -20.04 2.99 24.34
C GLY B 147 -20.08 4.37 23.69
N VAL B 148 -19.17 5.25 24.14
CA VAL B 148 -19.10 6.63 23.66
C VAL B 148 -17.68 6.89 23.18
N GLY B 149 -17.55 7.91 22.34
CA GLY B 149 -16.24 8.33 21.87
C GLY B 149 -15.51 7.23 21.14
N ASP B 150 -14.27 6.97 21.56
CA ASP B 150 -13.43 5.91 21.00
C ASP B 150 -13.56 4.60 21.76
N ALA B 151 -14.72 4.33 22.39
CA ALA B 151 -14.88 3.10 23.15
C ALA B 151 -14.72 1.86 22.29
N PHE B 152 -15.16 1.93 21.04
CA PHE B 152 -15.15 0.81 20.11
C PHE B 152 -13.88 0.75 19.26
N ARG B 153 -12.88 1.59 19.54
CA ARG B 153 -11.72 1.75 18.67
C ARG B 153 -10.43 1.11 19.21
N SER B 154 -10.50 0.39 20.33
CA SER B 154 -9.36 -0.39 20.81
C SER B 154 -9.86 -1.72 21.34
N GLU B 155 -9.07 -2.78 21.10
CA GLU B 155 -9.48 -4.12 21.51
C GLU B 155 -9.58 -4.23 23.03
N LYS B 156 -8.83 -3.41 23.77
CA LYS B 156 -8.89 -3.47 25.22
C LYS B 156 -10.24 -2.97 25.71
N SER B 157 -10.69 -1.84 25.18
CA SER B 157 -11.93 -1.24 25.66
C SER B 157 -13.14 -2.04 25.19
N ARG B 158 -13.08 -2.64 24.00
CA ARG B 158 -14.17 -3.49 23.52
C ARG B 158 -14.39 -4.69 24.43
N GLN B 159 -13.31 -5.41 24.74
CA GLN B 159 -13.41 -6.57 25.62
C GLN B 159 -13.81 -6.18 27.03
N GLU B 160 -13.53 -4.93 27.43
CA GLU B 160 -14.07 -4.42 28.68
C GLU B 160 -15.59 -4.32 28.62
N LEU B 161 -16.14 -3.92 27.46
CA LEU B 161 -17.59 -3.78 27.34
C LEU B 161 -18.30 -5.13 27.45
N ASN B 162 -17.67 -6.21 26.98
CA ASN B 162 -18.26 -7.54 27.17
C ASN B 162 -18.25 -7.93 28.64
N THR B 163 -17.17 -7.60 29.35
CA THR B 163 -17.04 -7.98 30.75
C THR B 163 -18.13 -7.34 31.61
N ILE B 164 -18.57 -6.12 31.26
CA ILE B 164 -19.60 -5.43 32.02
C ILE B 164 -21.02 -5.84 31.55
N ALA B 165 -21.18 -6.18 30.28
CA ALA B 165 -22.51 -6.46 29.72
C ALA B 165 -23.07 -7.79 30.24
N SER B 166 -24.40 -7.91 30.16
CA SER B 166 -25.11 -9.10 30.58
C SER B 166 -24.81 -10.30 29.69
N LYS B 167 -25.24 -11.47 30.16
CA LYS B 167 -24.93 -12.76 29.55
C LYS B 167 -25.15 -12.86 28.04
N PRO B 168 -26.23 -12.35 27.45
CA PRO B 168 -26.24 -12.15 25.99
C PRO B 168 -25.53 -10.86 25.62
N PRO B 169 -24.22 -10.91 25.26
CA PRO B 169 -23.51 -9.63 25.04
C PRO B 169 -24.03 -8.84 23.86
N ARG B 170 -24.47 -9.55 22.81
CA ARG B 170 -24.95 -8.91 21.59
C ARG B 170 -26.20 -8.06 21.83
N ASP B 171 -26.96 -8.37 22.88
CA ASP B 171 -28.21 -7.69 23.18
C ASP B 171 -28.05 -6.44 24.03
N HIS B 172 -26.84 -6.16 24.55
CA HIS B 172 -26.66 -5.20 25.63
C HIS B 172 -25.60 -4.13 25.44
N VAL B 173 -24.81 -4.16 24.36
CA VAL B 173 -23.79 -3.15 24.10
C VAL B 173 -24.23 -2.36 22.86
N PHE B 174 -24.23 -1.03 22.97
CA PHE B 174 -24.69 -0.13 21.93
C PHE B 174 -23.83 1.13 21.96
N GLN B 175 -24.13 2.09 21.08
CA GLN B 175 -23.48 3.39 21.04
C GLN B 175 -24.45 4.50 21.48
N VAL B 176 -23.88 5.61 21.95
CA VAL B 176 -24.66 6.79 22.32
C VAL B 176 -25.07 7.63 21.11
N ASN B 177 -24.42 7.47 19.96
CA ASN B 177 -24.72 8.22 18.75
C ASN B 177 -26.05 7.83 18.10
N ASN B 178 -26.75 6.84 18.63
CA ASN B 178 -28.04 6.42 18.13
C ASN B 178 -28.85 5.96 19.34
N PHE B 179 -30.08 5.51 19.10
CA PHE B 179 -30.98 5.04 20.14
C PHE B 179 -31.34 3.57 19.97
N GLU B 180 -30.46 2.78 19.32
CA GLU B 180 -30.68 1.34 19.21
C GLU B 180 -30.78 0.66 20.57
N ALA B 181 -30.09 1.19 21.58
CA ALA B 181 -30.24 0.68 22.94
C ALA B 181 -31.66 0.88 23.44
N LEU B 182 -32.25 2.04 23.17
CA LEU B 182 -33.59 2.35 23.65
C LEU B 182 -34.63 1.42 23.02
N LYS B 183 -34.45 1.11 21.74
CA LYS B 183 -35.40 0.24 21.04
C LYS B 183 -35.38 -1.18 21.62
N THR B 184 -34.19 -1.68 21.94
CA THR B 184 -34.08 -3.02 22.52
C THR B 184 -34.75 -3.09 23.88
N ILE B 185 -34.54 -2.08 24.74
CA ILE B 185 -35.17 -2.04 26.05
C ILE B 185 -36.68 -1.92 25.91
N GLN B 186 -37.14 -1.04 25.01
CA GLN B 186 -38.58 -0.89 24.79
C GLN B 186 -39.23 -2.18 24.31
N ASN B 187 -38.57 -2.89 23.38
CA ASN B 187 -39.09 -4.18 22.95
C ASN B 187 -39.09 -5.19 24.09
N GLN B 188 -38.05 -5.17 24.93
CA GLN B 188 -38.03 -6.05 26.09
C GLN B 188 -39.18 -5.72 27.04
N LEU B 189 -39.37 -4.42 27.34
CA LEU B 189 -40.40 -4.02 28.29
C LEU B 189 -41.80 -4.33 27.76
N ARG B 190 -42.02 -4.22 26.44
CA ARG B 190 -43.30 -4.63 25.88
C ARG B 190 -43.54 -6.13 26.09
N GLU B 191 -42.51 -6.95 25.86
CA GLU B 191 -42.62 -8.39 26.12
C GLU B 191 -42.91 -8.65 27.59
N LYS B 192 -42.19 -7.98 28.48
CA LYS B 192 -42.43 -8.10 29.91
C LYS B 192 -43.82 -7.63 30.28
N GLN C 1 -28.29 -16.55 -0.09
CA GLN C 1 -28.05 -15.34 -0.87
C GLN C 1 -26.83 -14.60 -0.33
N VAL C 2 -26.82 -14.36 0.98
CA VAL C 2 -25.77 -13.54 1.59
C VAL C 2 -24.46 -14.30 1.55
N GLN C 3 -23.43 -13.68 0.98
CA GLN C 3 -22.12 -14.27 0.82
C GLN C 3 -21.03 -13.30 1.29
N LEU C 4 -20.05 -13.83 2.01
CA LEU C 4 -18.83 -13.13 2.37
C LEU C 4 -17.69 -14.10 2.09
N VAL C 5 -16.94 -13.85 1.01
CA VAL C 5 -16.02 -14.83 0.43
C VAL C 5 -14.60 -14.31 0.64
N GLU C 6 -13.83 -15.02 1.46
CA GLU C 6 -12.45 -14.66 1.70
C GLU C 6 -11.55 -15.22 0.62
N SER C 7 -10.55 -14.42 0.22
CA SER C 7 -9.51 -14.88 -0.67
C SER C 7 -8.24 -14.10 -0.36
N GLY C 8 -7.13 -14.56 -0.92
CA GLY C 8 -5.84 -13.99 -0.63
C GLY C 8 -5.06 -14.66 0.48
N GLY C 9 -5.58 -15.75 1.06
CA GLY C 9 -4.83 -16.49 2.05
C GLY C 9 -3.78 -17.38 1.41
N GLY C 10 -2.96 -18.01 2.25
CA GLY C 10 -1.90 -18.89 1.79
C GLY C 10 -0.73 -18.87 2.76
N LEU C 11 0.43 -19.25 2.24
CA LEU C 11 1.66 -19.35 3.01
C LEU C 11 2.60 -18.20 2.69
N VAL C 12 3.15 -17.57 3.71
CA VAL C 12 4.11 -16.50 3.52
C VAL C 12 5.21 -16.61 4.55
N GLN C 13 6.42 -16.25 4.16
CA GLN C 13 7.53 -16.30 5.10
C GLN C 13 7.42 -15.16 6.10
N ALA C 14 8.06 -15.36 7.25
CA ALA C 14 8.04 -14.35 8.31
C ALA C 14 8.66 -13.05 7.80
N GLY C 15 8.03 -11.94 8.16
CA GLY C 15 8.35 -10.65 7.59
C GLY C 15 7.61 -10.30 6.32
N GLY C 16 7.04 -11.30 5.63
CA GLY C 16 6.28 -11.05 4.42
C GLY C 16 4.98 -10.32 4.70
N SER C 17 4.19 -10.16 3.64
CA SER C 17 2.93 -9.43 3.69
C SER C 17 1.89 -10.15 2.84
N LEU C 18 0.63 -10.02 3.23
CA LEU C 18 -0.49 -10.54 2.45
C LEU C 18 -1.62 -9.52 2.44
N ARG C 19 -2.38 -9.54 1.35
CA ARG C 19 -3.60 -8.75 1.19
C ARG C 19 -4.75 -9.72 1.04
N LEU C 20 -5.62 -9.78 2.05
CA LEU C 20 -6.83 -10.57 2.00
C LEU C 20 -7.93 -9.73 1.34
N SER C 21 -8.87 -10.41 0.70
CA SER C 21 -10.02 -9.79 0.06
C SER C 21 -11.28 -10.44 0.59
N CYS C 22 -12.31 -9.62 0.85
CA CYS C 22 -13.62 -10.09 1.31
C CYS C 22 -14.65 -9.61 0.29
N THR C 23 -14.89 -10.44 -0.73
CA THR C 23 -15.84 -10.10 -1.78
C THR C 23 -17.24 -10.48 -1.29
N THR C 24 -18.13 -9.48 -1.25
CA THR C 24 -19.44 -9.61 -0.63
C THR C 24 -20.54 -9.50 -1.69
N SER C 25 -21.65 -10.16 -1.42
CA SER C 25 -22.85 -10.07 -2.27
C SER C 25 -24.03 -10.56 -1.46
N GLY C 26 -25.22 -10.28 -1.95
CA GLY C 26 -26.45 -10.69 -1.30
C GLY C 26 -26.98 -9.75 -0.25
N PHE C 27 -26.35 -8.59 -0.04
CA PHE C 27 -26.88 -7.58 0.85
C PHE C 27 -26.41 -6.22 0.35
N THR C 28 -27.08 -5.17 0.80
CA THR C 28 -26.65 -3.82 0.47
C THR C 28 -25.34 -3.54 1.19
N PHE C 29 -24.28 -3.32 0.42
CA PHE C 29 -22.94 -3.24 0.97
C PHE C 29 -22.78 -2.05 1.91
N ASP C 30 -23.45 -0.94 1.61
CA ASP C 30 -23.24 0.29 2.37
C ASP C 30 -23.93 0.29 3.72
N ASP C 31 -24.91 -0.59 3.93
CA ASP C 31 -25.60 -0.65 5.22
C ASP C 31 -24.77 -1.29 6.32
N TYR C 32 -23.70 -2.02 5.98
CA TYR C 32 -22.96 -2.84 6.92
C TYR C 32 -21.54 -2.34 7.10
N ALA C 33 -21.06 -2.37 8.34
CA ALA C 33 -19.64 -2.33 8.61
C ALA C 33 -19.08 -3.74 8.47
N ILE C 34 -17.92 -3.84 7.83
CA ILE C 34 -17.28 -5.12 7.51
C ILE C 34 -15.97 -5.17 8.28
N GLY C 35 -15.68 -6.34 8.87
CA GLY C 35 -14.51 -6.49 9.70
C GLY C 35 -13.85 -7.84 9.46
N TRP C 36 -12.69 -7.99 10.08
CA TRP C 36 -11.88 -9.19 10.00
C TRP C 36 -11.70 -9.77 11.39
N PHE C 37 -11.89 -11.07 11.50
CA PHE C 37 -11.65 -11.83 12.70
C PHE C 37 -10.70 -12.97 12.36
N ARG C 38 -10.10 -13.54 13.40
CA ARG C 38 -9.18 -14.64 13.22
C ARG C 38 -9.23 -15.47 14.49
N GLN C 39 -9.08 -16.78 14.31
CA GLN C 39 -9.00 -17.72 15.42
C GLN C 39 -7.85 -18.62 15.01
N ALA C 40 -6.79 -18.60 15.78
CA ALA C 40 -5.72 -19.51 15.50
C ALA C 40 -6.19 -20.93 15.84
N PRO C 41 -5.65 -21.95 15.17
CA PRO C 41 -6.15 -23.33 15.39
C PRO C 41 -5.96 -23.80 16.82
N GLY C 42 -7.05 -24.31 17.40
CA GLY C 42 -7.06 -24.68 18.80
C GLY C 42 -7.01 -23.51 19.76
N LYS C 43 -7.19 -22.28 19.27
CA LYS C 43 -7.01 -21.06 20.04
C LYS C 43 -8.31 -20.27 20.18
N GLU C 44 -8.25 -19.30 21.07
CA GLU C 44 -9.36 -18.37 21.28
C GLU C 44 -9.43 -17.40 20.10
N ARG C 45 -10.58 -16.74 19.99
CA ARG C 45 -10.86 -15.82 18.88
C ARG C 45 -10.45 -14.39 19.23
N GLU C 46 -10.05 -13.65 18.18
CA GLU C 46 -9.67 -12.24 18.28
C GLU C 46 -10.34 -11.44 17.18
N GLY C 47 -10.80 -10.25 17.52
CA GLY C 47 -11.06 -9.23 16.52
C GLY C 47 -9.75 -8.66 16.00
N VAL C 48 -9.75 -8.34 14.70
CA VAL C 48 -8.56 -7.82 14.01
C VAL C 48 -8.78 -6.39 13.54
N SER C 49 -9.82 -6.16 12.72
CA SER C 49 -10.01 -4.84 12.12
C SER C 49 -11.42 -4.74 11.59
N CYS C 50 -11.88 -3.49 11.44
CA CYS C 50 -13.23 -3.19 10.98
C CYS C 50 -13.23 -1.83 10.30
N ILE C 51 -14.15 -1.67 9.35
CA ILE C 51 -14.30 -0.42 8.61
C ILE C 51 -15.78 -0.11 8.48
N SER C 52 -16.17 1.08 8.94
CA SER C 52 -17.53 1.60 8.83
C SER C 52 -17.48 2.93 8.10
N SER C 53 -18.52 3.20 7.29
CA SER C 53 -18.56 4.46 6.56
C SER C 53 -18.80 5.65 7.49
N SER C 54 -19.48 5.42 8.63
CA SER C 54 -19.82 6.47 9.58
C SER C 54 -18.89 6.50 10.79
N GLU C 55 -18.47 5.33 11.29
CA GLU C 55 -17.66 5.23 12.51
C GLU C 55 -16.17 5.12 12.24
N GLY C 56 -15.73 5.11 10.98
CA GLY C 56 -14.31 5.06 10.70
C GLY C 56 -13.74 3.66 10.73
N LYS C 57 -12.48 3.56 11.17
CA LYS C 57 -11.72 2.32 11.18
C LYS C 57 -11.35 1.92 12.60
N TYR C 58 -11.22 0.61 12.79
CA TYR C 58 -10.82 0.00 14.05
C TYR C 58 -9.70 -0.99 13.80
N TYR C 59 -8.73 -1.05 14.72
CA TYR C 59 -7.67 -2.05 14.70
C TYR C 59 -7.47 -2.59 16.11
N SER C 60 -7.23 -3.89 16.19
CA SER C 60 -6.84 -4.49 17.46
C SER C 60 -5.41 -4.06 17.82
N ASP C 61 -4.99 -4.43 19.04
CA ASP C 61 -3.66 -4.06 19.51
C ASP C 61 -2.56 -4.72 18.67
N SER C 62 -2.77 -5.99 18.29
CA SER C 62 -1.79 -6.67 17.45
C SER C 62 -1.76 -6.11 16.03
N ALA C 63 -2.89 -5.59 15.54
CA ALA C 63 -3.01 -5.17 14.16
C ALA C 63 -2.55 -3.73 13.91
N LYS C 64 -2.63 -2.85 14.90
CA LYS C 64 -2.38 -1.43 14.66
C LYS C 64 -0.90 -1.19 14.35
N GLY C 65 -0.65 -0.40 13.31
CA GLY C 65 0.69 -0.10 12.83
C GLY C 65 1.14 -1.02 11.72
N ARG C 66 0.77 -2.30 11.80
CA ARG C 66 1.12 -3.27 10.78
C ARG C 66 0.06 -3.36 9.69
N PHE C 67 -1.21 -3.39 10.08
CA PHE C 67 -2.30 -3.78 9.20
C PHE C 67 -3.02 -2.53 8.70
N THR C 68 -3.63 -2.64 7.52
CA THR C 68 -4.43 -1.58 6.93
C THR C 68 -5.67 -2.19 6.31
N ILE C 69 -6.84 -1.80 6.79
CA ILE C 69 -8.12 -2.20 6.23
C ILE C 69 -8.60 -1.11 5.29
N SER C 70 -9.22 -1.51 4.19
CA SER C 70 -9.73 -0.58 3.20
C SER C 70 -10.94 -1.19 2.52
N SER C 71 -11.70 -0.35 1.82
CA SER C 71 -12.98 -0.73 1.23
C SER C 71 -13.07 -0.18 -0.18
N ASP C 72 -13.42 -1.06 -1.13
CA ASP C 72 -13.74 -0.69 -2.50
C ASP C 72 -15.25 -0.64 -2.59
N ASN C 73 -15.80 0.55 -2.42
CA ASN C 73 -17.25 0.72 -2.35
C ASN C 73 -17.95 0.41 -3.67
N ALA C 74 -17.24 0.52 -4.80
CA ALA C 74 -17.87 0.25 -6.09
C ALA C 74 -18.09 -1.25 -6.29
N LYS C 75 -17.11 -2.06 -5.92
CA LYS C 75 -17.15 -3.52 -6.10
C LYS C 75 -17.57 -4.28 -4.84
N ASN C 76 -17.92 -3.58 -3.75
CA ASN C 76 -18.44 -4.20 -2.53
C ASN C 76 -17.45 -5.20 -1.95
N THR C 77 -16.19 -4.76 -1.84
CA THR C 77 -15.08 -5.59 -1.41
C THR C 77 -14.27 -4.83 -0.36
N VAL C 78 -13.84 -5.55 0.67
CA VAL C 78 -13.04 -5.01 1.76
C VAL C 78 -11.73 -5.78 1.80
N TYR C 79 -10.62 -5.06 1.88
CA TYR C 79 -9.28 -5.63 1.85
C TYR C 79 -8.62 -5.42 3.19
N LEU C 80 -7.79 -6.39 3.60
CA LEU C 80 -6.91 -6.25 4.76
C LEU C 80 -5.48 -6.44 4.28
N GLN C 81 -4.77 -5.33 4.15
CA GLN C 81 -3.33 -5.35 3.88
C GLN C 81 -2.64 -5.64 5.20
N MET C 82 -1.94 -6.78 5.26
CA MET C 82 -1.23 -7.21 6.46
C MET C 82 0.26 -7.23 6.15
N ASN C 83 1.02 -6.34 6.79
CA ASN C 83 2.46 -6.24 6.66
C ASN C 83 3.12 -6.75 7.93
N ASN C 84 4.40 -7.13 7.80
CA ASN C 84 5.22 -7.58 8.93
C ASN C 84 4.58 -8.78 9.63
N LEU C 85 4.14 -9.76 8.83
CA LEU C 85 3.46 -10.92 9.37
C LEU C 85 4.45 -11.79 10.16
N LYS C 86 3.91 -12.51 11.13
CA LYS C 86 4.67 -13.29 12.10
C LYS C 86 4.05 -14.68 12.20
N PRO C 87 4.80 -15.68 12.71
CA PRO C 87 4.20 -17.02 12.89
C PRO C 87 3.00 -17.04 13.83
N GLU C 88 2.98 -16.17 14.85
CA GLU C 88 1.84 -16.13 15.75
C GLU C 88 0.57 -15.59 15.08
N ASP C 89 0.69 -14.91 13.94
CA ASP C 89 -0.46 -14.49 13.16
C ASP C 89 -1.08 -15.62 12.33
N THR C 90 -0.51 -16.84 12.36
CA THR C 90 -1.09 -17.97 11.64
C THR C 90 -2.47 -18.28 12.21
N ALA C 91 -3.49 -18.24 11.36
CA ALA C 91 -4.87 -18.44 11.81
C ALA C 91 -5.78 -18.56 10.61
N VAL C 92 -6.99 -19.04 10.86
CA VAL C 92 -8.07 -18.97 9.88
C VAL C 92 -8.66 -17.58 10.00
N TYR C 93 -8.57 -16.79 8.92
CA TYR C 93 -9.04 -15.42 8.91
C TYR C 93 -10.44 -15.36 8.31
N TYR C 94 -11.39 -14.87 9.11
CA TYR C 94 -12.77 -14.70 8.70
C TYR C 94 -13.02 -13.23 8.45
N CYS C 95 -13.79 -12.92 7.42
CA CYS C 95 -14.41 -11.60 7.29
C CYS C 95 -15.89 -11.72 7.63
N ALA C 96 -16.44 -10.62 8.15
CA ALA C 96 -17.75 -10.62 8.75
C ALA C 96 -18.38 -9.26 8.50
N ALA C 97 -19.70 -9.19 8.69
CA ALA C 97 -20.47 -7.96 8.53
C ALA C 97 -21.36 -7.75 9.75
N GLU C 98 -21.53 -6.48 10.11
CA GLU C 98 -22.40 -6.04 11.19
C GLU C 98 -23.23 -4.87 10.68
N TRP C 99 -24.49 -4.81 11.09
CA TRP C 99 -25.37 -3.71 10.66
C TRP C 99 -24.82 -2.40 11.19
N ASN C 100 -24.46 -1.51 10.27
CA ASN C 100 -23.67 -0.32 10.62
C ASN C 100 -24.43 0.64 11.51
N ASN C 101 -25.77 0.60 11.52
CA ASN C 101 -26.54 1.52 12.33
C ASN C 101 -26.49 1.22 13.83
N PHE C 102 -26.04 0.03 14.23
CA PHE C 102 -25.74 -0.17 15.65
C PHE C 102 -24.59 0.72 16.10
N GLY C 103 -23.64 1.00 15.21
CA GLY C 103 -22.54 1.89 15.54
C GLY C 103 -21.48 1.29 16.43
N ARG C 104 -21.31 -0.03 16.39
CA ARG C 104 -20.44 -0.76 17.31
C ARG C 104 -19.09 -1.16 16.71
N LEU C 105 -18.87 -0.91 15.42
CA LEU C 105 -17.61 -1.25 14.74
C LEU C 105 -17.32 -2.76 14.84
N CYS C 106 -18.27 -3.56 14.36
CA CYS C 106 -18.07 -4.99 14.17
C CYS C 106 -17.85 -5.74 15.49
N MET C 107 -18.47 -5.31 16.59
CA MET C 107 -18.33 -6.06 17.84
C MET C 107 -19.04 -7.41 17.77
N TYR C 108 -20.24 -7.41 17.22
CA TYR C 108 -21.12 -8.59 17.18
C TYR C 108 -21.61 -8.77 15.75
N PRO C 109 -20.82 -9.40 14.88
CA PRO C 109 -21.24 -9.52 13.47
C PRO C 109 -22.49 -10.36 13.31
N ASP C 110 -23.30 -9.96 12.33
CA ASP C 110 -24.53 -10.66 11.98
C ASP C 110 -24.29 -11.77 10.95
N TYR C 111 -23.25 -11.63 10.13
CA TYR C 111 -22.89 -12.62 9.11
C TYR C 111 -21.40 -12.91 9.18
N TRP C 112 -21.04 -14.16 8.87
CA TRP C 112 -19.67 -14.63 8.86
C TRP C 112 -19.39 -15.33 7.54
N GLY C 113 -18.20 -15.10 6.99
CA GLY C 113 -17.72 -15.89 5.89
C GLY C 113 -17.22 -17.24 6.37
N GLN C 114 -16.82 -18.07 5.41
CA GLN C 114 -16.35 -19.42 5.73
C GLN C 114 -14.95 -19.42 6.32
N GLY C 115 -14.13 -18.43 6.00
CA GLY C 115 -12.76 -18.33 6.44
C GLY C 115 -11.78 -18.87 5.42
N THR C 116 -10.56 -18.32 5.44
CA THR C 116 -9.46 -18.76 4.59
C THR C 116 -8.22 -18.91 5.46
N GLN C 117 -7.38 -19.89 5.08
CA GLN C 117 -6.21 -20.21 5.88
C GLN C 117 -5.05 -19.27 5.52
N VAL C 118 -4.44 -18.70 6.55
CA VAL C 118 -3.18 -17.96 6.45
C VAL C 118 -2.17 -18.68 7.34
N THR C 119 -1.03 -19.05 6.76
CA THR C 119 0.04 -19.74 7.45
C THR C 119 1.29 -18.89 7.29
N VAL C 120 2.02 -18.69 8.39
CA VAL C 120 3.23 -17.87 8.39
C VAL C 120 4.36 -18.71 8.95
N SER C 121 5.36 -18.99 8.11
CA SER C 121 6.50 -19.83 8.43
C SER C 121 7.78 -19.00 8.49
N SER C 122 8.82 -19.61 9.07
CA SER C 122 10.17 -19.06 9.09
C SER C 122 11.02 -19.69 7.99
N GLN D 1 31.27 -9.80 0.94
CA GLN D 1 30.76 -8.62 1.63
C GLN D 1 29.42 -8.20 1.02
N VAL D 2 29.38 -8.06 -0.29
CA VAL D 2 28.20 -7.55 -0.98
C VAL D 2 27.08 -8.58 -0.86
N GLN D 3 25.93 -8.15 -0.33
CA GLN D 3 24.77 -9.01 -0.12
C GLN D 3 23.52 -8.35 -0.65
N LEU D 4 22.69 -9.16 -1.31
CA LEU D 4 21.33 -8.78 -1.71
C LEU D 4 20.44 -9.97 -1.36
N VAL D 5 19.65 -9.82 -0.31
CA VAL D 5 18.95 -10.93 0.34
C VAL D 5 17.47 -10.75 0.10
N GLU D 6 16.87 -11.66 -0.68
CA GLU D 6 15.44 -11.61 -0.93
C GLU D 6 14.68 -12.29 0.21
N SER D 7 13.53 -11.71 0.56
CA SER D 7 12.61 -12.33 1.49
C SER D 7 11.20 -11.84 1.17
N GLY D 8 10.22 -12.49 1.77
CA GLY D 8 8.82 -12.23 1.49
C GLY D 8 8.18 -13.12 0.45
N GLY D 9 8.90 -14.13 -0.08
CA GLY D 9 8.32 -15.10 -0.99
C GLY D 9 7.51 -16.16 -0.29
N GLY D 10 6.89 -17.02 -1.10
CA GLY D 10 6.08 -18.12 -0.60
C GLY D 10 4.95 -18.45 -1.56
N LEU D 11 3.92 -19.10 -1.01
CA LEU D 11 2.76 -19.55 -1.78
C LEU D 11 1.57 -18.64 -1.51
N VAL D 12 0.92 -18.18 -2.58
CA VAL D 12 -0.25 -17.33 -2.44
C VAL D 12 -1.30 -17.74 -3.47
N GLN D 13 -2.56 -17.59 -3.09
CA GLN D 13 -3.63 -17.95 -3.99
C GLN D 13 -3.76 -16.89 -5.09
N ALA D 14 -4.33 -17.31 -6.22
CA ALA D 14 -4.53 -16.40 -7.34
C ALA D 14 -5.43 -15.24 -6.92
N GLY D 15 -5.07 -14.03 -7.36
CA GLY D 15 -5.67 -12.81 -6.87
C GLY D 15 -5.02 -12.24 -5.62
N GLY D 16 -4.25 -13.03 -4.90
CA GLY D 16 -3.57 -12.56 -3.71
C GLY D 16 -2.48 -11.56 -4.04
N SER D 17 -1.75 -11.17 -3.00
CA SER D 17 -0.69 -10.17 -3.11
C SER D 17 0.47 -10.56 -2.21
N LEU D 18 1.67 -10.18 -2.62
CA LEU D 18 2.87 -10.38 -1.81
C LEU D 18 3.76 -9.15 -1.88
N ARG D 19 4.50 -8.93 -0.79
CA ARG D 19 5.51 -7.87 -0.70
C ARG D 19 6.86 -8.56 -0.50
N LEU D 20 7.71 -8.48 -1.51
CA LEU D 20 9.08 -8.97 -1.41
C LEU D 20 9.95 -7.87 -0.82
N SER D 21 11.01 -8.29 -0.12
CA SER D 21 11.99 -7.38 0.49
C SER D 21 13.36 -7.77 -0.02
N CYS D 22 14.18 -6.78 -0.36
CA CYS D 22 15.55 -6.98 -0.81
C CYS D 22 16.45 -6.20 0.15
N THR D 23 16.86 -6.85 1.23
CA THR D 23 17.72 -6.22 2.23
C THR D 23 19.16 -6.30 1.76
N THR D 24 19.82 -5.15 1.64
CA THR D 24 21.12 -5.02 1.01
C THR D 24 22.16 -4.59 2.04
N SER D 25 23.40 -5.00 1.82
CA SER D 25 24.53 -4.60 2.65
C SER D 25 25.81 -4.84 1.87
N GLY D 26 26.90 -4.26 2.35
CA GLY D 26 28.19 -4.43 1.73
C GLY D 26 28.50 -3.46 0.61
N PHE D 27 27.63 -2.50 0.32
CA PHE D 27 27.92 -1.45 -0.64
C PHE D 27 27.15 -0.20 -0.24
N THR D 28 27.60 0.93 -0.77
CA THR D 28 26.87 2.18 -0.54
C THR D 28 25.54 2.11 -1.28
N PHE D 29 24.45 2.15 -0.51
CA PHE D 29 23.13 1.87 -1.05
C PHE D 29 22.72 2.90 -2.09
N ASP D 30 23.10 4.16 -1.89
CA ASP D 30 22.61 5.26 -2.72
C ASP D 30 23.30 5.32 -4.09
N ASP D 31 24.46 4.68 -4.25
CA ASP D 31 25.14 4.72 -5.54
C ASP D 31 24.48 3.83 -6.59
N TYR D 32 23.60 2.91 -6.18
CA TYR D 32 23.07 1.87 -7.04
C TYR D 32 21.57 2.02 -7.24
N ALA D 33 21.12 1.79 -8.47
CA ALA D 33 19.73 1.48 -8.74
C ALA D 33 19.51 -0.01 -8.50
N ILE D 34 18.40 -0.33 -7.84
CA ILE D 34 18.07 -1.70 -7.45
C ILE D 34 16.81 -2.11 -8.19
N GLY D 35 16.79 -3.34 -8.71
CA GLY D 35 15.69 -3.82 -9.50
C GLY D 35 15.36 -5.26 -9.20
N TRP D 36 14.25 -5.71 -9.78
CA TRP D 36 13.72 -7.06 -9.61
C TRP D 36 13.67 -7.75 -10.96
N PHE D 37 14.13 -9.00 -10.98
CA PHE D 37 14.08 -9.88 -12.14
C PHE D 37 13.42 -11.18 -11.70
N ARG D 38 13.00 -11.98 -12.68
CA ARG D 38 12.38 -13.26 -12.39
C ARG D 38 12.65 -14.24 -13.52
N GLN D 39 12.86 -15.49 -13.16
CA GLN D 39 12.99 -16.59 -14.11
C GLN D 39 12.29 -17.83 -13.56
N ALA D 40 11.15 -18.26 -14.19
CA ALA D 40 10.69 -19.61 -13.88
C ALA D 40 11.51 -20.65 -14.68
N PRO D 41 11.72 -21.87 -14.17
CA PRO D 41 12.51 -22.86 -14.95
C PRO D 41 11.83 -23.24 -16.26
N GLY D 42 12.64 -23.36 -17.32
CA GLY D 42 12.13 -23.62 -18.65
C GLY D 42 11.43 -22.45 -19.31
N LYS D 43 11.49 -21.27 -18.71
CA LYS D 43 10.90 -20.04 -19.22
C LYS D 43 12.04 -19.05 -19.41
N GLU D 44 11.78 -18.00 -20.15
CA GLU D 44 12.77 -16.96 -20.35
C GLU D 44 12.85 -16.07 -19.11
N ARG D 45 13.91 -15.27 -19.05
CA ARG D 45 14.13 -14.35 -17.94
C ARG D 45 13.47 -13.03 -18.30
N GLU D 46 12.95 -12.35 -17.28
CA GLU D 46 12.26 -11.08 -17.45
C GLU D 46 12.76 -10.06 -16.44
N GLY D 47 12.96 -8.84 -16.91
CA GLY D 47 12.98 -7.71 -16.01
C GLY D 47 11.57 -7.40 -15.54
N VAL D 48 11.47 -7.00 -14.26
CA VAL D 48 10.18 -6.71 -13.63
C VAL D 48 10.09 -5.23 -13.26
N SER D 49 11.04 -4.72 -12.48
CA SER D 49 10.94 -3.36 -11.96
C SER D 49 12.30 -2.91 -11.46
N CYS D 50 12.46 -1.59 -11.40
CA CYS D 50 13.71 -0.97 -10.96
C CYS D 50 13.40 0.39 -10.37
N ILE D 51 14.25 0.82 -9.44
CA ILE D 51 14.11 2.12 -8.79
C ILE D 51 15.49 2.74 -8.67
N SER D 52 15.61 3.97 -9.20
CA SER D 52 16.81 4.79 -9.11
C SER D 52 16.47 6.11 -8.46
N SER D 53 17.41 6.65 -7.68
CA SER D 53 17.17 7.94 -7.04
C SER D 53 17.16 9.07 -8.07
N SER D 54 17.89 8.91 -9.17
CA SER D 54 17.99 9.92 -10.22
C SER D 54 17.09 9.65 -11.41
N GLU D 55 16.95 8.38 -11.83
CA GLU D 55 16.21 8.03 -13.04
C GLU D 55 14.76 7.60 -12.76
N GLY D 56 14.33 7.57 -11.50
CA GLY D 56 12.95 7.28 -11.20
C GLY D 56 12.67 5.78 -11.15
N LYS D 57 11.47 5.40 -11.57
CA LYS D 57 10.97 4.03 -11.50
C LYS D 57 10.71 3.48 -12.90
N TYR D 58 10.89 2.17 -13.00
CA TYR D 58 10.65 1.41 -14.22
C TYR D 58 9.79 0.21 -13.87
N TYR D 59 8.84 -0.13 -14.75
CA TYR D 59 8.04 -1.34 -14.65
C TYR D 59 7.98 -2.03 -15.99
N SER D 60 8.05 -3.34 -15.97
CA SER D 60 7.81 -4.10 -17.20
C SER D 60 6.33 -4.01 -17.56
N ASP D 61 6.00 -4.52 -18.76
CA ASP D 61 4.62 -4.48 -19.24
C ASP D 61 3.72 -5.32 -18.36
N SER D 62 4.21 -6.48 -17.90
CA SER D 62 3.42 -7.31 -17.00
C SER D 62 3.29 -6.68 -15.62
N ALA D 63 4.27 -5.88 -15.20
CA ALA D 63 4.30 -5.34 -13.85
C ALA D 63 3.50 -4.05 -13.70
N LYS D 64 3.36 -3.26 -14.76
CA LYS D 64 2.78 -1.93 -14.63
C LYS D 64 1.29 -2.02 -14.31
N GLY D 65 0.85 -1.23 -13.33
CA GLY D 65 -0.53 -1.21 -12.88
C GLY D 65 -0.79 -2.12 -11.69
N ARG D 66 -0.16 -3.29 -11.69
CA ARG D 66 -0.28 -4.25 -10.60
C ARG D 66 0.76 -4.01 -9.52
N PHE D 67 2.00 -3.79 -9.93
CA PHE D 67 3.15 -3.85 -9.03
C PHE D 67 3.58 -2.45 -8.62
N THR D 68 4.17 -2.35 -7.43
CA THR D 68 4.72 -1.09 -6.94
C THR D 68 6.05 -1.40 -6.27
N ILE D 69 7.12 -0.78 -6.79
CA ILE D 69 8.46 -0.86 -6.21
C ILE D 69 8.66 0.36 -5.34
N SER D 70 9.33 0.18 -4.21
CA SER D 70 9.60 1.27 -3.29
C SER D 70 10.90 0.99 -2.57
N SER D 71 11.44 2.04 -1.93
CA SER D 71 12.77 2.02 -1.34
C SER D 71 12.74 2.68 0.03
N ASP D 72 13.27 1.97 1.03
CA ASP D 72 13.51 2.53 2.37
C ASP D 72 14.98 2.91 2.43
N ASN D 73 15.26 4.19 2.16
CA ASN D 73 16.63 4.65 2.05
C ASN D 73 17.39 4.59 3.37
N ALA D 74 16.67 4.61 4.51
CA ALA D 74 17.35 4.58 5.80
C ALA D 74 17.91 3.19 6.11
N LYS D 75 17.14 2.14 5.79
CA LYS D 75 17.52 0.76 6.07
C LYS D 75 18.12 0.03 4.88
N ASN D 76 18.29 0.70 3.73
CA ASN D 76 18.95 0.13 2.55
C ASN D 76 18.21 -1.11 2.05
N THR D 77 16.89 -0.98 1.92
CA THR D 77 15.99 -2.07 1.55
C THR D 77 15.05 -1.58 0.47
N VAL D 78 14.79 -2.43 -0.52
CA VAL D 78 13.89 -2.15 -1.63
C VAL D 78 12.78 -3.19 -1.59
N TYR D 79 11.54 -2.73 -1.71
CA TYR D 79 10.35 -3.56 -1.63
C TYR D 79 9.68 -3.59 -2.99
N LEU D 80 9.09 -4.74 -3.32
CA LEU D 80 8.21 -4.90 -4.48
C LEU D 80 6.85 -5.36 -3.97
N GLN D 81 5.90 -4.42 -3.91
CA GLN D 81 4.51 -4.75 -3.63
C GLN D 81 3.89 -5.28 -4.91
N MET D 82 3.46 -6.54 -4.89
CA MET D 82 2.87 -7.22 -6.04
C MET D 82 1.42 -7.54 -5.72
N ASN D 83 0.50 -6.90 -6.44
CA ASN D 83 -0.93 -7.11 -6.31
C ASN D 83 -1.46 -7.88 -7.52
N ASN D 84 -2.62 -8.52 -7.35
CA ASN D 84 -3.32 -9.22 -8.42
C ASN D 84 -2.45 -10.31 -9.04
N LEU D 85 -1.80 -11.09 -8.17
CA LEU D 85 -0.88 -12.12 -8.63
C LEU D 85 -1.63 -13.23 -9.35
N LYS D 86 -0.92 -13.87 -10.29
CA LYS D 86 -1.46 -14.87 -11.20
C LYS D 86 -0.53 -16.08 -11.21
N PRO D 87 -1.02 -17.26 -11.65
CA PRO D 87 -0.11 -18.42 -11.73
C PRO D 87 1.06 -18.22 -12.67
N GLU D 88 0.90 -17.44 -13.74
CA GLU D 88 2.02 -17.20 -14.65
C GLU D 88 3.13 -16.34 -14.03
N ASP D 89 2.84 -15.64 -12.93
CA ASP D 89 3.88 -14.93 -12.20
C ASP D 89 4.71 -15.84 -11.30
N THR D 90 4.41 -17.13 -11.24
CA THR D 90 5.23 -18.07 -10.46
C THR D 90 6.63 -18.15 -11.07
N ALA D 91 7.64 -17.84 -10.26
CA ALA D 91 9.03 -17.80 -10.72
C ALA D 91 9.93 -17.60 -9.52
N VAL D 92 11.22 -17.81 -9.73
CA VAL D 92 12.24 -17.42 -8.75
C VAL D 92 12.52 -15.94 -8.96
N TYR D 93 12.23 -15.13 -7.94
CA TYR D 93 12.37 -13.68 -8.02
C TYR D 93 13.71 -13.26 -7.44
N TYR D 94 14.53 -12.62 -8.27
CA TYR D 94 15.84 -12.11 -7.90
C TYR D 94 15.74 -10.59 -7.76
N CYS D 95 16.42 -10.06 -6.75
CA CYS D 95 16.73 -8.63 -6.72
C CYS D 95 18.19 -8.43 -7.07
N ALA D 96 18.47 -7.28 -7.65
CA ALA D 96 19.76 -7.01 -8.28
C ALA D 96 20.07 -5.54 -8.12
N ALA D 97 21.34 -5.19 -8.34
CA ALA D 97 21.80 -3.80 -8.27
C ALA D 97 22.62 -3.48 -9.52
N GLU D 98 22.50 -2.24 -9.96
CA GLU D 98 23.25 -1.69 -11.08
C GLU D 98 23.80 -0.34 -10.63
N TRP D 99 25.02 -0.03 -11.04
CA TRP D 99 25.62 1.25 -10.68
C TRP D 99 24.79 2.37 -11.31
N ASN D 100 24.22 3.22 -10.45
CA ASN D 100 23.20 4.17 -10.89
C ASN D 100 23.74 5.22 -11.85
N ASN D 101 25.05 5.48 -11.84
CA ASN D 101 25.61 6.51 -12.70
C ASN D 101 25.64 6.10 -14.17
N PHE D 102 25.47 4.81 -14.49
CA PHE D 102 25.22 4.46 -15.89
C PHE D 102 23.89 5.04 -16.35
N GLY D 103 22.91 5.15 -15.44
CA GLY D 103 21.64 5.77 -15.77
C GLY D 103 20.74 4.91 -16.63
N ARG D 104 20.88 3.59 -16.53
CA ARG D 104 20.20 2.64 -17.41
C ARG D 104 18.98 1.99 -16.77
N LEU D 105 18.71 2.25 -15.49
CA LEU D 105 17.57 1.68 -14.77
C LEU D 105 17.63 0.14 -14.79
N CYS D 106 18.74 -0.39 -14.29
CA CYS D 106 18.90 -1.81 -14.01
C CYS D 106 18.86 -2.67 -15.27
N MET D 107 19.37 -2.18 -16.41
CA MET D 107 19.38 -3.02 -17.61
C MET D 107 20.38 -4.17 -17.49
N TYR D 108 21.57 -3.89 -16.96
CA TYR D 108 22.68 -4.84 -16.86
C TYR D 108 23.18 -4.80 -15.42
N PRO D 109 22.54 -5.52 -14.51
CA PRO D 109 22.95 -5.43 -13.10
C PRO D 109 24.36 -5.96 -12.85
N ASP D 110 25.04 -5.31 -11.90
CA ASP D 110 26.38 -5.68 -11.50
C ASP D 110 26.39 -6.74 -10.41
N TYR D 111 25.33 -6.81 -9.59
CA TYR D 111 25.20 -7.78 -8.51
C TYR D 111 23.81 -8.41 -8.57
N TRP D 112 23.75 -9.68 -8.17
CA TRP D 112 22.52 -10.45 -8.10
C TRP D 112 22.42 -11.09 -6.73
N GLY D 113 21.20 -11.10 -6.18
CA GLY D 113 20.92 -11.90 -5.01
C GLY D 113 20.74 -13.35 -5.39
N GLN D 114 20.53 -14.18 -4.36
CA GLN D 114 20.39 -15.62 -4.60
C GLN D 114 19.04 -15.98 -5.21
N GLY D 115 18.02 -15.17 -4.95
CA GLY D 115 16.68 -15.43 -5.43
C GLY D 115 15.84 -16.13 -4.39
N THR D 116 14.52 -15.87 -4.45
CA THR D 116 13.55 -16.52 -3.58
C THR D 116 12.39 -17.00 -4.42
N GLN D 117 11.79 -18.11 -4.01
CA GLN D 117 10.70 -18.72 -4.77
C GLN D 117 9.39 -18.02 -4.45
N VAL D 118 8.66 -17.63 -5.50
CA VAL D 118 7.29 -17.16 -5.40
C VAL D 118 6.43 -18.15 -6.16
N THR D 119 5.40 -18.64 -5.51
CA THR D 119 4.49 -19.64 -6.04
C THR D 119 3.07 -19.10 -5.99
N VAL D 120 2.34 -19.24 -7.09
CA VAL D 120 0.97 -18.75 -7.18
C VAL D 120 0.09 -19.88 -7.69
N SER D 121 -0.83 -20.33 -6.84
CA SER D 121 -1.74 -21.43 -7.12
C SER D 121 -3.18 -20.92 -7.20
N SER D 122 -4.05 -21.77 -7.72
CA SER D 122 -5.50 -21.52 -7.75
C SER D 122 -6.20 -22.24 -6.61
MG MG E . 9.14 9.06 -32.37
MG MG F . -11.16 8.73 31.87
S SO4 G . -24.82 -1.47 -2.67
O1 SO4 G . -23.53 -2.10 -2.86
O2 SO4 G . -25.10 -0.56 -3.76
O3 SO4 G . -25.84 -2.50 -2.63
O4 SO4 G . -24.82 -0.73 -1.42
S SO4 H . 24.49 4.27 2.42
O1 SO4 H . 25.65 3.41 2.48
O2 SO4 H . 24.66 5.37 3.36
O3 SO4 H . 24.32 4.81 1.08
O4 SO4 H . 23.30 3.50 2.78
#